data_8PY6
#
_entry.id   8PY6
#
_cell.length_a   41.552
_cell.length_b   75.593
_cell.length_c   101.689
_cell.angle_alpha   90.000
_cell.angle_beta   90.000
_cell.angle_gamma   90.000
#
_symmetry.space_group_name_H-M   'P 21 21 21'
#
loop_
_entity.id
_entity.type
_entity.pdbx_description
1 polymer 'Isopenicillin N synthase'
2 non-polymer 'SULFATE ION'
3 non-polymer 'FE (III) ION'
4 non-polymer L-D-(A-AMINOADIPOYL)-L-CYSTEINYL-D-VALINE
5 water water
#
_entity_poly.entity_id   1
_entity_poly.type   'polypeptide(L)'
_entity_poly.pdbx_seq_one_letter_code
;MGSVSKANVPKIDVSPLFGDDQAAKMRVAQQIDAASRDTGFFYAVNHGINVQRLSQKTKEFHMSITPEEKWDLAIRAYNK
EHQDQVRAGYYLSIPGKKAVESFCYLNPNFTPDHPRIQAKTPTHEVNVWPDETKHPGFQDFAEQYYWDVFGLSSALLKGY
ALALGKEENFFARHFKPDDTLASVVLIRYPYLDPYPEAAIKTAADGTKLSFEWHEDVSLITVLYQSNVQNLQVETAAGYQ
DIEADDTGYLINCGSYMAHLTNNYYKAPIHRVKWVNAERQSLPFFVNLGYDSVIDPFDPREPNGKSDREPLSYGDYLQNG
LVSLINKNGQT
;
_entity_poly.pdbx_strand_id   A
#
loop_
_chem_comp.id
_chem_comp.type
_chem_comp.name
_chem_comp.formula
ACV non-polymer L-D-(A-AMINOADIPOYL)-L-CYSTEINYL-D-VALINE 'C14 H25 N3 O6 S'
FE non-polymer 'FE (III) ION' 'Fe 3'
SO4 non-polymer 'SULFATE ION' 'O4 S -2'
#
# COMPACT_ATOMS: atom_id res chain seq x y z
N VAL A 4 17.15 -18.41 -3.13
CA VAL A 4 16.43 -19.58 -2.64
C VAL A 4 16.16 -19.49 -1.14
N SER A 5 16.77 -18.50 -0.48
CA SER A 5 16.64 -18.40 0.96
C SER A 5 15.41 -17.60 1.34
N LYS A 6 15.10 -17.61 2.63
CA LYS A 6 13.87 -17.04 3.16
C LYS A 6 14.19 -15.85 4.04
N ALA A 7 13.39 -14.80 3.90
CA ALA A 7 13.60 -13.56 4.62
C ALA A 7 13.14 -13.71 6.06
N ASN A 8 13.86 -13.06 6.96
CA ASN A 8 13.42 -13.03 8.35
C ASN A 8 12.36 -11.93 8.46
N VAL A 9 11.10 -12.34 8.56
CA VAL A 9 9.99 -11.41 8.68
C VAL A 9 9.29 -11.68 10.00
N PRO A 10 9.57 -10.90 11.02
CA PRO A 10 9.00 -11.19 12.34
C PRO A 10 7.53 -10.85 12.38
N LYS A 11 6.82 -11.55 13.24
CA LYS A 11 5.42 -11.28 13.55
C LYS A 11 5.38 -10.46 14.82
N ILE A 12 4.86 -9.23 14.72
CA ILE A 12 4.86 -8.29 15.83
C ILE A 12 3.42 -8.10 16.29
N ASP A 13 3.16 -8.38 17.57
CA ASP A 13 1.87 -8.08 18.18
C ASP A 13 1.76 -6.57 18.36
N VAL A 14 0.91 -5.94 17.55
CA VAL A 14 0.79 -4.48 17.60
C VAL A 14 -0.32 -4.00 18.52
N SER A 15 -0.98 -4.92 19.23
CA SER A 15 -2.11 -4.52 20.05
C SER A 15 -1.75 -3.46 21.10
N PRO A 16 -0.54 -3.42 21.66
CA PRO A 16 -0.25 -2.36 22.65
C PRO A 16 -0.33 -0.96 22.07
N LEU A 17 -0.16 -0.80 20.75
CA LEU A 17 -0.22 0.52 20.14
C LEU A 17 -1.62 1.12 20.19
N PHE A 18 -2.65 0.32 20.46
CA PHE A 18 -4.00 0.82 20.64
C PHE A 18 -4.30 1.17 22.09
N GLY A 19 -3.35 0.95 22.99
CA GLY A 19 -3.57 1.08 24.41
C GLY A 19 -2.82 2.25 25.02
N ASP A 20 -2.72 2.22 26.35
N ASP A 20 -2.72 2.23 26.35
CA ASP A 20 -2.12 3.30 27.12
CA ASP A 20 -2.08 3.31 27.08
C ASP A 20 -0.95 2.82 27.98
C ASP A 20 -0.96 2.82 27.99
N ASP A 21 -0.49 1.60 27.78
CA ASP A 21 0.69 1.09 28.50
C ASP A 21 1.92 1.58 27.73
N GLN A 22 2.58 2.62 28.24
CA GLN A 22 3.62 3.27 27.44
C GLN A 22 4.85 2.40 27.28
N ALA A 23 5.23 1.65 28.33
CA ALA A 23 6.40 0.78 28.19
C ALA A 23 6.13 -0.34 27.19
N ALA A 24 4.91 -0.88 27.17
CA ALA A 24 4.57 -1.90 26.18
C ALA A 24 4.66 -1.34 24.77
N LYS A 25 4.22 -0.09 24.58
CA LYS A 25 4.36 0.53 23.27
C LYS A 25 5.82 0.62 22.86
N MET A 26 6.70 0.98 23.79
CA MET A 26 8.12 1.06 23.48
C MET A 26 8.67 -0.30 23.06
N ARG A 27 8.23 -1.37 23.71
CA ARG A 27 8.71 -2.69 23.32
C ARG A 27 8.25 -3.06 21.91
N VAL A 28 7.06 -2.61 21.50
CA VAL A 28 6.65 -2.80 20.11
C VAL A 28 7.52 -1.96 19.19
N ALA A 29 7.74 -0.69 19.56
CA ALA A 29 8.58 0.19 18.76
C ALA A 29 9.96 -0.40 18.52
N GLN A 30 10.54 -1.04 19.54
CA GLN A 30 11.87 -1.63 19.37
C GLN A 30 11.84 -2.71 18.31
N GLN A 31 10.77 -3.49 18.27
CA GLN A 31 10.65 -4.56 17.28
C GLN A 31 10.45 -3.98 15.88
N ILE A 32 9.69 -2.89 15.78
CA ILE A 32 9.53 -2.21 14.49
C ILE A 32 10.86 -1.66 14.01
N ASP A 33 11.63 -1.07 14.92
CA ASP A 33 12.96 -0.57 14.58
C ASP A 33 13.85 -1.70 14.07
N ALA A 34 13.86 -2.83 14.78
CA ALA A 34 14.73 -3.92 14.40
C ALA A 34 14.36 -4.45 13.02
N ALA A 35 13.07 -4.62 12.76
CA ALA A 35 12.64 -5.12 11.45
C ALA A 35 12.95 -4.12 10.36
N SER A 36 12.78 -2.82 10.65
CA SER A 36 12.99 -1.80 9.64
C SER A 36 14.46 -1.67 9.27
N ARG A 37 15.36 -2.04 10.17
CA ARG A 37 16.79 -1.99 9.88
C ARG A 37 17.35 -3.29 9.36
N ASP A 38 16.53 -4.35 9.30
CA ASP A 38 16.96 -5.65 8.78
C ASP A 38 16.44 -5.80 7.36
N THR A 39 15.41 -6.63 7.13
CA THR A 39 14.90 -6.77 5.77
C THR A 39 13.93 -5.66 5.39
N GLY A 40 13.36 -4.98 6.38
CA GLY A 40 12.40 -3.92 6.12
C GLY A 40 10.96 -4.34 6.17
N PHE A 41 10.68 -5.62 6.41
CA PHE A 41 9.32 -6.13 6.48
C PHE A 41 9.03 -6.72 7.84
N PHE A 42 7.78 -6.56 8.27
CA PHE A 42 7.27 -7.34 9.41
C PHE A 42 5.79 -7.60 9.19
N TYR A 43 5.28 -8.61 9.88
CA TYR A 43 3.85 -8.87 9.94
C TYR A 43 3.28 -8.25 11.21
N ALA A 44 2.22 -7.48 11.05
CA ALA A 44 1.44 -6.98 12.17
C ALA A 44 0.36 -8.01 12.49
N VAL A 45 0.38 -8.53 13.72
CA VAL A 45 -0.60 -9.50 14.17
C VAL A 45 -1.35 -8.93 15.36
N ASN A 46 -2.50 -9.54 15.65
CA ASN A 46 -3.37 -9.05 16.72
C ASN A 46 -3.80 -7.62 16.41
N HIS A 47 -4.24 -7.40 15.16
CA HIS A 47 -4.53 -6.09 14.62
C HIS A 47 -5.99 -5.69 14.71
N GLY A 48 -6.90 -6.66 14.91
CA GLY A 48 -8.29 -6.35 15.17
C GLY A 48 -9.17 -6.18 13.95
N ILE A 49 -8.64 -6.37 12.75
CA ILE A 49 -9.43 -6.22 11.52
C ILE A 49 -9.95 -7.57 11.09
N ASN A 50 -11.21 -7.59 10.65
CA ASN A 50 -11.86 -8.82 10.18
C ASN A 50 -11.40 -9.09 8.76
N VAL A 51 -10.25 -9.78 8.63
CA VAL A 51 -9.71 -10.02 7.29
C VAL A 51 -10.42 -11.15 6.55
N GLN A 52 -11.15 -12.02 7.26
CA GLN A 52 -12.00 -12.99 6.57
C GLN A 52 -13.10 -12.30 5.77
N ARG A 53 -13.78 -11.33 6.37
CA ARG A 53 -14.83 -10.62 5.65
C ARG A 53 -14.24 -9.81 4.50
N LEU A 54 -13.10 -9.17 4.72
CA LEU A 54 -12.40 -8.46 3.66
C LEU A 54 -12.16 -9.35 2.45
N SER A 55 -11.59 -10.54 2.67
CA SER A 55 -11.26 -11.42 1.56
C SER A 55 -12.52 -11.93 0.88
N GLN A 56 -13.57 -12.23 1.66
N GLN A 56 -13.54 -12.26 1.66
CA GLN A 56 -14.78 -12.78 1.08
CA GLN A 56 -14.79 -12.78 1.10
C GLN A 56 -15.54 -11.75 0.25
C GLN A 56 -15.47 -11.73 0.23
N LYS A 57 -15.62 -10.51 0.75
CA LYS A 57 -16.35 -9.49 0.01
C LYS A 57 -15.58 -9.06 -1.22
N THR A 58 -14.24 -9.03 -1.14
CA THR A 58 -13.42 -8.74 -2.30
C THR A 58 -13.59 -9.81 -3.37
N LYS A 59 -13.59 -11.08 -2.96
CA LYS A 59 -13.76 -12.15 -3.94
C LYS A 59 -15.13 -12.06 -4.62
N GLU A 60 -16.19 -11.77 -3.85
CA GLU A 60 -17.51 -11.69 -4.45
C GLU A 60 -17.58 -10.59 -5.51
N PHE A 61 -16.85 -9.49 -5.28
CA PHE A 61 -16.81 -8.38 -6.22
C PHE A 61 -16.05 -8.77 -7.49
N HIS A 62 -14.81 -9.23 -7.33
CA HIS A 62 -13.99 -9.57 -8.49
C HIS A 62 -14.68 -10.62 -9.36
N MET A 63 -15.36 -11.58 -8.74
CA MET A 63 -15.92 -12.68 -9.51
C MET A 63 -17.30 -12.37 -10.10
N SER A 64 -17.97 -11.30 -9.67
N SER A 64 -17.96 -11.29 -9.67
CA SER A 64 -19.29 -11.00 -10.20
CA SER A 64 -19.29 -10.96 -10.14
C SER A 64 -19.34 -9.78 -11.12
C SER A 64 -19.31 -9.83 -11.16
N ILE A 65 -18.28 -8.98 -11.19
CA ILE A 65 -18.30 -7.82 -12.07
C ILE A 65 -18.14 -8.26 -13.52
N THR A 66 -18.84 -7.56 -14.41
CA THR A 66 -18.93 -7.92 -15.83
C THR A 66 -18.16 -6.95 -16.70
N PRO A 67 -17.90 -7.30 -17.96
CA PRO A 67 -17.15 -6.36 -18.83
C PRO A 67 -17.83 -5.00 -18.97
N GLU A 68 -19.16 -4.97 -19.03
CA GLU A 68 -19.85 -3.69 -19.11
C GLU A 68 -19.53 -2.80 -17.93
N GLU A 69 -19.58 -3.38 -16.73
CA GLU A 69 -19.29 -2.62 -15.52
C GLU A 69 -17.84 -2.16 -15.49
N LYS A 70 -16.91 -2.99 -15.98
CA LYS A 70 -15.51 -2.60 -15.95
C LYS A 70 -15.26 -1.39 -16.85
N TRP A 71 -15.87 -1.35 -18.02
CA TRP A 71 -15.73 -0.17 -18.85
C TRP A 71 -16.31 1.05 -18.16
N ASP A 72 -17.45 0.89 -17.47
CA ASP A 72 -18.09 2.02 -16.83
C ASP A 72 -17.26 2.59 -15.69
N LEU A 73 -16.41 1.77 -15.08
CA LEU A 73 -15.60 2.16 -13.94
C LEU A 73 -14.14 2.42 -14.30
N ALA A 74 -13.78 2.23 -15.56
CA ALA A 74 -12.38 2.18 -15.95
C ALA A 74 -11.68 3.52 -15.78
N ILE A 75 -10.40 3.44 -15.41
CA ILE A 75 -9.57 4.63 -15.35
C ILE A 75 -9.23 5.08 -16.76
N ARG A 76 -8.69 6.30 -16.86
CA ARG A 76 -8.39 6.94 -18.15
C ARG A 76 -7.51 6.09 -19.04
N ALA A 77 -6.62 5.28 -18.45
CA ALA A 77 -5.73 4.46 -19.27
C ALA A 77 -6.50 3.45 -20.10
N TYR A 78 -7.69 3.08 -19.68
CA TYR A 78 -8.49 2.10 -20.39
C TYR A 78 -9.75 2.69 -21.01
N ASN A 79 -10.09 3.94 -20.69
CA ASN A 79 -11.32 4.55 -21.19
C ASN A 79 -11.08 6.04 -21.36
N LYS A 80 -10.96 6.49 -22.61
CA LYS A 80 -10.66 7.89 -22.89
C LYS A 80 -11.76 8.83 -22.42
N GLU A 81 -12.97 8.32 -22.16
CA GLU A 81 -14.05 9.18 -21.70
C GLU A 81 -13.84 9.66 -20.27
N HIS A 82 -12.99 8.97 -19.52
CA HIS A 82 -12.87 9.20 -18.08
C HIS A 82 -11.60 9.97 -17.76
N GLN A 83 -11.52 11.19 -18.28
CA GLN A 83 -10.31 11.98 -18.13
C GLN A 83 -10.01 12.34 -16.68
N ASP A 84 -11.02 12.30 -15.81
CA ASP A 84 -10.83 12.68 -14.41
C ASP A 84 -10.48 11.49 -13.52
N GLN A 85 -10.40 10.29 -14.06
CA GLN A 85 -10.07 9.08 -13.29
C GLN A 85 -8.65 8.66 -13.66
N VAL A 86 -7.67 9.19 -12.94
CA VAL A 86 -6.31 8.74 -13.11
C VAL A 86 -5.97 7.67 -12.07
N ARG A 87 -6.44 7.84 -10.84
CA ARG A 87 -6.17 6.92 -9.76
C ARG A 87 -7.33 5.99 -9.44
N ALA A 88 -8.54 6.53 -9.30
CA ALA A 88 -9.65 5.76 -8.75
C ALA A 88 -10.46 5.12 -9.87
N GLY A 89 -10.76 3.85 -9.71
CA GLY A 89 -11.58 3.13 -10.65
C GLY A 89 -10.99 1.76 -10.94
N TYR A 90 -11.44 1.19 -12.05
CA TYR A 90 -11.09 -0.18 -12.39
C TYR A 90 -9.92 -0.22 -13.35
N TYR A 91 -8.99 -1.13 -13.10
CA TYR A 91 -7.80 -1.35 -13.91
C TYR A 91 -7.99 -2.71 -14.58
N LEU A 92 -8.25 -2.70 -15.88
CA LEU A 92 -8.72 -3.91 -16.53
C LEU A 92 -7.58 -4.86 -16.86
N SER A 93 -7.88 -6.15 -16.82
CA SER A 93 -7.01 -7.13 -17.43
C SER A 93 -7.25 -7.10 -18.94
N ILE A 94 -6.30 -7.68 -19.66
CA ILE A 94 -6.36 -7.80 -21.11
C ILE A 94 -6.20 -9.29 -21.44
N PRO A 95 -7.30 -9.98 -21.76
CA PRO A 95 -7.20 -11.44 -21.94
C PRO A 95 -6.14 -11.79 -22.96
N GLY A 96 -5.32 -12.78 -22.62
CA GLY A 96 -4.22 -13.21 -23.47
C GLY A 96 -2.96 -12.39 -23.36
N LYS A 97 -2.98 -11.29 -22.60
CA LYS A 97 -1.85 -10.38 -22.53
C LYS A 97 -1.51 -9.93 -21.11
N LYS A 98 -2.54 -9.58 -20.33
CA LYS A 98 -2.35 -8.98 -19.01
C LYS A 98 -3.29 -9.68 -18.05
N ALA A 99 -2.73 -10.30 -17.01
CA ALA A 99 -3.54 -11.12 -16.12
C ALA A 99 -4.16 -10.31 -14.99
N VAL A 100 -3.40 -9.39 -14.41
CA VAL A 100 -3.80 -8.71 -13.20
C VAL A 100 -4.92 -7.72 -13.51
N GLU A 101 -5.85 -7.58 -12.58
CA GLU A 101 -6.85 -6.53 -12.64
C GLU A 101 -7.12 -6.04 -11.23
N SER A 102 -7.61 -4.82 -11.11
CA SER A 102 -7.77 -4.28 -9.76
C SER A 102 -8.75 -3.13 -9.75
N PHE A 103 -9.16 -2.77 -8.55
CA PHE A 103 -10.07 -1.65 -8.30
C PHE A 103 -9.44 -0.80 -7.21
N CYS A 104 -9.31 0.49 -7.48
CA CYS A 104 -8.63 1.41 -6.56
C CYS A 104 -9.63 2.46 -6.09
N TYR A 105 -9.65 2.73 -4.78
CA TYR A 105 -10.47 3.82 -4.29
C TYR A 105 -9.71 4.61 -3.25
N LEU A 106 -10.15 5.85 -3.10
CA LEU A 106 -9.47 6.86 -2.31
C LEU A 106 -10.32 7.23 -1.09
N ASN A 107 -9.87 8.25 -0.39
CA ASN A 107 -10.57 8.84 0.73
C ASN A 107 -12.05 9.00 0.44
N PRO A 108 -12.93 8.33 1.18
CA PRO A 108 -14.39 8.58 0.97
C PRO A 108 -14.81 10.00 1.24
N ASN A 109 -13.99 10.81 1.92
CA ASN A 109 -14.37 12.19 2.19
C ASN A 109 -14.14 13.10 1.00
N PHE A 110 -13.52 12.60 -0.07
CA PHE A 110 -13.38 13.35 -1.31
C PHE A 110 -14.70 13.31 -2.05
N THR A 111 -15.50 14.35 -1.89
CA THR A 111 -16.79 14.50 -2.54
C THR A 111 -16.72 15.75 -3.42
N PRO A 112 -17.69 15.95 -4.30
CA PRO A 112 -17.74 17.22 -5.05
C PRO A 112 -17.70 18.44 -4.15
N ASP A 113 -18.15 18.30 -2.89
CA ASP A 113 -18.12 19.41 -1.94
C ASP A 113 -16.72 19.70 -1.42
N HIS A 114 -15.80 18.74 -1.50
CA HIS A 114 -14.52 18.87 -0.82
C HIS A 114 -13.68 19.98 -1.45
N PRO A 115 -13.00 20.79 -0.64
CA PRO A 115 -12.28 21.95 -1.20
C PRO A 115 -11.15 21.57 -2.15
N ARG A 116 -10.50 20.42 -1.95
CA ARG A 116 -9.45 20.01 -2.87
C ARG A 116 -10.03 19.54 -4.19
N ILE A 117 -11.25 19.01 -4.15
CA ILE A 117 -11.94 18.64 -5.38
C ILE A 117 -12.44 19.88 -6.11
N GLN A 118 -13.03 20.83 -5.36
CA GLN A 118 -13.44 22.08 -5.99
C GLN A 118 -12.25 22.81 -6.62
N ALA A 119 -11.08 22.72 -6.01
CA ALA A 119 -9.89 23.39 -6.53
C ALA A 119 -9.20 22.60 -7.64
N LYS A 120 -9.64 21.37 -7.91
CA LYS A 120 -9.03 20.53 -8.95
C LYS A 120 -7.55 20.27 -8.65
N THR A 121 -7.24 20.01 -7.39
CA THR A 121 -5.87 19.73 -7.01
C THR A 121 -5.46 18.34 -7.51
N PRO A 122 -4.30 18.19 -8.14
CA PRO A 122 -3.88 16.87 -8.60
C PRO A 122 -3.86 15.84 -7.47
N THR A 123 -4.07 14.58 -7.86
CA THR A 123 -4.11 13.37 -7.05
C THR A 123 -5.37 13.25 -6.21
N HIS A 124 -6.25 14.26 -6.22
CA HIS A 124 -7.53 14.17 -5.54
C HIS A 124 -8.60 13.83 -6.57
N GLU A 125 -9.41 12.81 -6.28
CA GLU A 125 -10.48 12.38 -7.16
C GLU A 125 -11.65 11.91 -6.31
N VAL A 126 -12.84 11.98 -6.89
CA VAL A 126 -14.03 11.38 -6.28
C VAL A 126 -14.10 9.92 -6.71
N ASN A 127 -14.33 9.04 -5.74
CA ASN A 127 -14.43 7.61 -6.05
C ASN A 127 -15.60 7.33 -6.98
N VAL A 128 -15.44 6.29 -7.78
CA VAL A 128 -16.51 5.73 -8.60
C VAL A 128 -16.84 4.35 -8.06
N TRP A 129 -18.12 3.99 -8.09
CA TRP A 129 -18.57 2.74 -7.51
C TRP A 129 -19.49 2.01 -8.47
N PRO A 130 -19.54 0.68 -8.37
CA PRO A 130 -20.51 -0.08 -9.16
C PRO A 130 -21.93 0.15 -8.66
N ASP A 131 -22.88 -0.30 -9.47
CA ASP A 131 -24.30 -0.17 -9.12
C ASP A 131 -24.61 -0.94 -7.85
N GLU A 132 -25.27 -0.26 -6.89
CA GLU A 132 -25.64 -0.92 -5.64
C GLU A 132 -26.50 -2.15 -5.85
N THR A 133 -27.36 -2.13 -6.87
CA THR A 133 -28.25 -3.26 -7.05
C THR A 133 -27.52 -4.48 -7.61
N LYS A 134 -26.41 -4.28 -8.31
CA LYS A 134 -25.62 -5.41 -8.80
C LYS A 134 -24.61 -5.89 -7.78
N HIS A 135 -24.17 -5.02 -6.88
CA HIS A 135 -23.16 -5.35 -5.88
C HIS A 135 -23.63 -4.85 -4.53
N PRO A 136 -24.69 -5.45 -3.99
CA PRO A 136 -25.26 -4.95 -2.74
C PRO A 136 -24.22 -4.95 -1.63
N GLY A 137 -24.18 -3.84 -0.90
CA GLY A 137 -23.34 -3.73 0.28
C GLY A 137 -21.86 -3.60 0.01
N PHE A 138 -21.42 -3.63 -1.25
CA PHE A 138 -20.00 -3.53 -1.54
C PHE A 138 -19.45 -2.17 -1.15
N GLN A 139 -20.11 -1.09 -1.57
CA GLN A 139 -19.59 0.23 -1.25
C GLN A 139 -19.56 0.47 0.25
N ASP A 140 -20.61 0.04 0.96
CA ASP A 140 -20.62 0.19 2.41
C ASP A 140 -19.47 -0.56 3.04
N PHE A 141 -19.21 -1.79 2.58
CA PHE A 141 -18.10 -2.56 3.10
C PHE A 141 -16.77 -1.86 2.81
N ALA A 142 -16.58 -1.39 1.57
CA ALA A 142 -15.29 -0.85 1.18
C ALA A 142 -14.98 0.45 1.91
N GLU A 143 -15.99 1.31 2.09
CA GLU A 143 -15.77 2.55 2.83
C GLU A 143 -15.48 2.27 4.29
N GLN A 144 -16.17 1.31 4.89
CA GLN A 144 -15.89 0.94 6.28
C GLN A 144 -14.47 0.38 6.40
N TYR A 145 -14.07 -0.45 5.45
CA TYR A 145 -12.73 -1.02 5.49
C TYR A 145 -11.67 0.06 5.44
N TYR A 146 -11.89 1.09 4.62
CA TYR A 146 -10.94 2.20 4.54
C TYR A 146 -10.66 2.77 5.92
N TRP A 147 -11.71 3.01 6.70
CA TRP A 147 -11.51 3.58 8.03
C TRP A 147 -10.98 2.54 9.02
N ASP A 148 -11.31 1.27 8.83
CA ASP A 148 -10.72 0.23 9.69
C ASP A 148 -9.20 0.20 9.52
N VAL A 149 -8.73 0.17 8.27
CA VAL A 149 -7.29 0.08 8.03
C VAL A 149 -6.63 1.44 8.26
N PHE A 150 -7.36 2.54 8.09
CA PHE A 150 -6.87 3.84 8.54
C PHE A 150 -6.52 3.80 10.03
N GLY A 151 -7.42 3.24 10.85
CA GLY A 151 -7.15 3.17 12.28
C GLY A 151 -5.94 2.32 12.60
N LEU A 152 -5.80 1.17 11.95
CA LEU A 152 -4.62 0.34 12.17
C LEU A 152 -3.36 1.10 11.76
N SER A 153 -3.41 1.79 10.62
CA SER A 153 -2.24 2.50 10.15
C SER A 153 -1.87 3.63 11.08
N SER A 154 -2.86 4.33 11.63
N SER A 154 -2.86 4.31 11.64
CA SER A 154 -2.57 5.38 12.60
CA SER A 154 -2.58 5.37 12.60
C SER A 154 -1.80 4.82 13.78
C SER A 154 -1.82 4.84 13.80
N ALA A 155 -2.21 3.65 14.28
CA ALA A 155 -1.48 3.02 15.38
C ALA A 155 -0.07 2.64 14.98
N LEU A 156 0.10 2.02 13.81
CA LEU A 156 1.44 1.67 13.35
C LEU A 156 2.32 2.91 13.25
N LEU A 157 1.76 4.03 12.82
CA LEU A 157 2.57 5.25 12.70
C LEU A 157 3.05 5.74 14.06
N LYS A 158 2.29 5.49 15.12
CA LYS A 158 2.78 5.80 16.47
C LYS A 158 3.98 4.93 16.82
N GLY A 159 3.95 3.65 16.42
CA GLY A 159 5.09 2.79 16.66
C GLY A 159 6.33 3.24 15.94
N TYR A 160 6.18 3.65 14.66
CA TYR A 160 7.33 4.13 13.91
C TYR A 160 7.92 5.39 14.54
N ALA A 161 7.05 6.29 15.01
CA ALA A 161 7.52 7.52 15.64
C ALA A 161 8.34 7.20 16.89
N LEU A 162 7.82 6.33 17.74
CA LEU A 162 8.54 5.98 18.96
C LEU A 162 9.85 5.27 18.64
N ALA A 163 9.83 4.44 17.60
CA ALA A 163 11.03 3.70 17.19
C ALA A 163 12.16 4.66 16.84
N LEU A 164 11.83 5.82 16.27
CA LEU A 164 12.81 6.80 15.82
C LEU A 164 13.13 7.85 16.89
N GLY A 165 12.56 7.71 18.08
CA GLY A 165 12.84 8.65 19.15
C GLY A 165 12.00 9.90 19.14
N LYS A 166 10.86 9.89 18.45
CA LYS A 166 9.95 11.02 18.37
C LYS A 166 8.71 10.75 19.21
N GLU A 167 7.99 11.83 19.53
CA GLU A 167 6.69 11.70 20.18
C GLU A 167 5.75 10.94 19.25
N GLU A 168 4.78 10.25 19.86
CA GLU A 168 4.07 9.24 19.08
C GLU A 168 3.18 9.83 18.00
N ASN A 169 2.88 11.14 18.02
CA ASN A 169 2.08 11.75 16.97
C ASN A 169 2.90 12.37 15.85
N PHE A 170 4.22 12.10 15.82
CA PHE A 170 5.09 12.77 14.87
C PHE A 170 4.63 12.58 13.43
N PHE A 171 4.28 11.35 13.06
CA PHE A 171 3.75 11.08 11.73
C PHE A 171 2.23 11.19 11.70
N ALA A 172 1.59 10.69 12.74
CA ALA A 172 0.13 10.53 12.71
C ALA A 172 -0.57 11.88 12.63
N ARG A 173 0.04 12.95 13.13
CA ARG A 173 -0.60 14.25 13.07
C ARG A 173 -0.82 14.72 11.64
N HIS A 174 -0.07 14.18 10.68
CA HIS A 174 -0.23 14.52 9.27
C HIS A 174 -1.15 13.56 8.53
N PHE A 175 -1.68 12.55 9.21
CA PHE A 175 -2.47 11.47 8.62
C PHE A 175 -3.88 11.68 9.15
N LYS A 176 -4.72 12.35 8.34
CA LYS A 176 -5.98 12.85 8.82
C LYS A 176 -7.11 12.40 7.91
N PRO A 177 -8.28 12.11 8.48
CA PRO A 177 -9.39 11.64 7.65
C PRO A 177 -9.86 12.67 6.64
N ASP A 178 -9.70 13.96 6.92
CA ASP A 178 -10.26 14.93 5.98
C ASP A 178 -9.41 15.10 4.72
N ASP A 179 -8.11 14.80 4.76
CA ASP A 179 -7.31 15.07 3.57
C ASP A 179 -6.33 13.97 3.15
N THR A 180 -6.32 12.81 3.79
CA THR A 180 -5.32 11.82 3.43
C THR A 180 -5.47 11.39 1.98
N LEU A 181 -4.33 11.25 1.30
CA LEU A 181 -4.28 10.74 -0.06
C LEU A 181 -4.12 9.21 -0.11
N ALA A 182 -4.35 8.53 1.01
CA ALA A 182 -4.20 7.09 1.08
C ALA A 182 -5.18 6.41 0.14
N SER A 183 -4.78 5.25 -0.37
CA SER A 183 -5.61 4.49 -1.29
C SER A 183 -5.66 3.04 -0.88
N VAL A 184 -6.79 2.39 -1.21
CA VAL A 184 -6.93 0.95 -1.17
C VAL A 184 -6.94 0.44 -2.60
N VAL A 185 -6.23 -0.65 -2.85
CA VAL A 185 -6.30 -1.31 -4.15
C VAL A 185 -6.69 -2.76 -3.91
N LEU A 186 -7.76 -3.19 -4.58
CA LEU A 186 -8.23 -4.57 -4.50
C LEU A 186 -7.76 -5.29 -5.75
N ILE A 187 -6.67 -6.05 -5.63
CA ILE A 187 -6.00 -6.66 -6.78
C ILE A 187 -6.38 -8.13 -6.88
N ARG A 188 -6.80 -8.54 -8.06
CA ARG A 188 -7.00 -9.95 -8.38
C ARG A 188 -5.85 -10.45 -9.23
N TYR A 189 -5.17 -11.51 -8.76
CA TYR A 189 -4.22 -12.27 -9.55
C TYR A 189 -4.88 -13.59 -9.91
N PRO A 190 -5.23 -13.84 -11.16
CA PRO A 190 -6.04 -15.01 -11.48
C PRO A 190 -5.22 -16.26 -11.75
N TYR A 191 -5.88 -17.40 -11.60
CA TYR A 191 -5.41 -18.63 -12.20
C TYR A 191 -5.80 -18.65 -13.67
N LEU A 192 -4.84 -18.92 -14.55
CA LEU A 192 -5.11 -18.97 -15.97
C LEU A 192 -4.41 -20.17 -16.59
N ASP A 193 -5.12 -20.84 -17.48
CA ASP A 193 -4.53 -21.97 -18.17
C ASP A 193 -5.02 -21.95 -19.61
N PRO A 194 -4.15 -21.66 -20.60
CA PRO A 194 -2.72 -21.35 -20.46
C PRO A 194 -2.47 -19.97 -19.87
N TYR A 195 -1.35 -19.80 -19.19
CA TYR A 195 -1.06 -18.46 -18.66
C TYR A 195 -0.39 -17.62 -19.74
N PRO A 196 -0.89 -16.41 -20.01
CA PRO A 196 -0.32 -15.61 -21.10
C PRO A 196 1.15 -15.27 -20.86
N GLU A 197 2.00 -15.64 -21.82
CA GLU A 197 3.43 -15.39 -21.69
C GLU A 197 3.73 -13.90 -21.57
N ALA A 198 2.91 -13.04 -22.18
CA ALA A 198 3.16 -11.61 -22.12
C ALA A 198 2.98 -11.05 -20.70
N ALA A 199 2.27 -11.77 -19.84
CA ALA A 199 2.06 -11.32 -18.46
C ALA A 199 3.17 -11.79 -17.54
N ILE A 200 4.14 -12.55 -18.04
CA ILE A 200 5.26 -13.04 -17.25
C ILE A 200 6.52 -12.29 -17.69
N LYS A 201 7.22 -11.71 -16.74
CA LYS A 201 8.49 -11.03 -16.98
C LYS A 201 9.61 -11.88 -16.41
N THR A 202 10.74 -11.90 -17.11
CA THR A 202 11.92 -12.66 -16.65
C THR A 202 12.91 -11.69 -16.02
N ALA A 203 13.24 -11.94 -14.76
CA ALA A 203 14.20 -11.10 -14.05
C ALA A 203 15.61 -11.37 -14.56
N ALA A 204 16.53 -10.47 -14.20
CA ALA A 204 17.93 -10.67 -14.56
C ALA A 204 18.46 -12.00 -14.03
N ASP A 205 18.03 -12.42 -12.85
CA ASP A 205 18.50 -13.66 -12.25
C ASP A 205 17.70 -14.88 -12.71
N GLY A 206 16.83 -14.72 -13.72
CA GLY A 206 16.09 -15.83 -14.28
C GLY A 206 14.73 -16.08 -13.66
N THR A 207 14.42 -15.43 -12.54
CA THR A 207 13.14 -15.67 -11.88
C THR A 207 11.99 -15.10 -12.72
N LYS A 208 10.93 -15.89 -12.87
CA LYS A 208 9.72 -15.40 -13.54
C LYS A 208 8.89 -14.54 -12.59
N LEU A 209 8.51 -13.36 -13.06
CA LEU A 209 7.86 -12.36 -12.23
C LEU A 209 6.51 -11.93 -12.78
N SER A 210 5.64 -11.52 -11.86
CA SER A 210 4.43 -10.78 -12.23
C SER A 210 4.61 -9.27 -12.14
N PHE A 211 5.51 -8.79 -11.29
CA PHE A 211 5.73 -7.36 -11.13
C PHE A 211 7.19 -7.18 -10.73
N GLU A 212 7.88 -6.25 -11.39
CA GLU A 212 9.33 -6.13 -11.22
C GLU A 212 9.70 -5.37 -9.96
N TRP A 213 11.01 -5.32 -9.71
CA TRP A 213 11.55 -4.66 -8.54
C TRP A 213 11.10 -3.20 -8.48
N HIS A 214 10.85 -2.73 -7.27
CA HIS A 214 10.45 -1.35 -7.06
C HIS A 214 10.59 -1.04 -5.58
N GLU A 215 10.68 0.26 -5.29
CA GLU A 215 10.41 0.82 -3.97
C GLU A 215 8.99 1.36 -3.96
N ASP A 216 8.36 1.32 -2.80
CA ASP A 216 6.97 1.76 -2.69
C ASP A 216 6.87 3.27 -2.70
N VAL A 217 5.81 3.77 -3.34
CA VAL A 217 5.43 5.18 -3.26
C VAL A 217 4.42 5.28 -2.12
N SER A 218 4.93 5.57 -0.92
CA SER A 218 4.13 5.63 0.29
C SER A 218 5.01 6.11 1.43
N LEU A 219 4.36 6.46 2.54
CA LEU A 219 5.05 6.55 3.82
C LEU A 219 5.30 5.15 4.36
N ILE A 220 4.22 4.39 4.57
CA ILE A 220 4.30 2.95 4.80
C ILE A 220 3.21 2.30 3.96
N THR A 221 3.37 0.99 3.76
CA THR A 221 2.42 0.18 3.01
C THR A 221 1.89 -0.91 3.95
N VAL A 222 0.58 -1.07 3.97
CA VAL A 222 -0.11 -1.98 4.87
C VAL A 222 -0.87 -2.96 4.00
N LEU A 223 -0.39 -4.20 3.93
CA LEU A 223 -0.79 -5.13 2.89
C LEU A 223 -1.41 -6.39 3.45
N TYR A 224 -2.60 -6.72 2.95
CA TYR A 224 -3.19 -8.04 3.17
C TYR A 224 -3.09 -8.83 1.88
N GLN A 225 -2.65 -10.08 1.98
CA GLN A 225 -2.65 -10.99 0.85
C GLN A 225 -3.21 -12.34 1.27
N SER A 226 -3.83 -13.02 0.31
CA SER A 226 -4.24 -14.39 0.59
C SER A 226 -3.01 -15.30 0.67
N ASN A 227 -3.25 -16.55 1.05
CA ASN A 227 -2.17 -17.44 1.50
C ASN A 227 -1.49 -18.13 0.31
N VAL A 228 -0.81 -17.33 -0.49
CA VAL A 228 -0.01 -17.84 -1.60
C VAL A 228 1.30 -17.05 -1.64
N GLN A 229 2.42 -17.75 -1.48
CA GLN A 229 3.71 -17.09 -1.41
C GLN A 229 4.04 -16.44 -2.74
N ASN A 230 4.48 -15.18 -2.72
CA ASN A 230 4.77 -14.50 -3.97
C ASN A 230 5.82 -13.40 -3.85
N LEU A 231 5.96 -12.78 -2.68
CA LEU A 231 6.82 -11.63 -2.57
C LEU A 231 8.27 -12.02 -2.28
N GLN A 232 9.19 -11.25 -2.84
CA GLN A 232 10.61 -11.38 -2.51
C GLN A 232 11.17 -10.00 -2.19
N VAL A 233 12.10 -9.97 -1.25
CA VAL A 233 12.78 -8.74 -0.87
C VAL A 233 14.25 -8.85 -1.22
N GLU A 234 14.80 -7.77 -1.74
CA GLU A 234 16.20 -7.75 -2.11
C GLU A 234 17.06 -7.45 -0.89
N THR A 235 18.10 -8.26 -0.71
CA THR A 235 19.17 -8.01 0.25
C THR A 235 20.48 -7.98 -0.53
N ALA A 236 21.56 -7.64 0.18
CA ALA A 236 22.86 -7.64 -0.47
C ALA A 236 23.23 -9.01 -1.01
N ALA A 237 22.72 -10.07 -0.40
CA ALA A 237 23.03 -11.43 -0.82
C ALA A 237 22.02 -12.00 -1.80
N GLY A 238 21.13 -11.17 -2.33
CA GLY A 238 20.16 -11.60 -3.32
C GLY A 238 18.75 -11.50 -2.79
N TYR A 239 17.81 -11.94 -3.63
CA TYR A 239 16.40 -11.89 -3.27
C TYR A 239 16.06 -13.03 -2.34
N GLN A 240 15.21 -12.74 -1.36
CA GLN A 240 14.77 -13.70 -0.36
C GLN A 240 13.26 -13.76 -0.36
N ASP A 241 12.73 -14.96 -0.21
CA ASP A 241 11.30 -15.16 -0.20
C ASP A 241 10.66 -14.69 1.10
N ILE A 242 9.55 -13.98 0.99
CA ILE A 242 8.71 -13.60 2.12
C ILE A 242 7.59 -14.63 2.24
N GLU A 243 7.53 -15.32 3.37
CA GLU A 243 6.47 -16.30 3.58
C GLU A 243 5.12 -15.60 3.69
N ALA A 244 4.08 -16.30 3.23
CA ALA A 244 2.74 -15.74 3.29
C ALA A 244 2.15 -15.96 4.67
N ASP A 245 1.24 -15.06 5.06
CA ASP A 245 0.45 -15.22 6.28
C ASP A 245 -0.86 -14.50 6.03
N ASP A 246 -1.93 -15.25 5.81
CA ASP A 246 -3.23 -14.66 5.51
C ASP A 246 -4.02 -14.32 6.77
N THR A 247 -3.38 -14.27 7.93
CA THR A 247 -4.01 -13.68 9.09
C THR A 247 -3.40 -12.35 9.49
N GLY A 248 -2.22 -12.01 8.96
CA GLY A 248 -1.51 -10.82 9.35
C GLY A 248 -1.45 -9.80 8.23
N TYR A 249 -1.05 -8.60 8.60
CA TYR A 249 -0.77 -7.54 7.64
C TYR A 249 0.74 -7.42 7.48
N LEU A 250 1.19 -7.42 6.24
CA LEU A 250 2.59 -7.20 5.92
C LEU A 250 2.85 -5.71 5.78
N ILE A 251 3.84 -5.22 6.51
CA ILE A 251 4.14 -3.81 6.63
C ILE A 251 5.55 -3.55 6.10
N ASN A 252 5.72 -2.47 5.35
CA ASN A 252 7.04 -2.00 4.99
C ASN A 252 6.99 -0.50 4.77
N CYS A 253 8.17 0.12 4.78
CA CYS A 253 8.28 1.54 4.50
C CYS A 253 8.31 1.81 3.00
N GLY A 254 7.79 2.98 2.61
CA GLY A 254 7.95 3.51 1.29
C GLY A 254 9.05 4.57 1.22
N SER A 255 9.24 5.10 0.01
CA SER A 255 10.40 5.96 -0.19
C SER A 255 10.27 7.32 0.50
N TYR A 256 9.07 7.74 0.92
CA TYR A 256 8.99 8.98 1.68
C TYR A 256 9.61 8.81 3.07
N MET A 257 9.43 7.64 3.68
CA MET A 257 10.09 7.36 4.97
C MET A 257 11.61 7.36 4.81
N ALA A 258 12.12 6.75 3.73
CA ALA A 258 13.56 6.73 3.51
C ALA A 258 14.09 8.14 3.35
N HIS A 259 13.35 8.99 2.64
CA HIS A 259 13.80 10.36 2.46
C HIS A 259 13.86 11.08 3.80
N LEU A 260 12.78 11.00 4.58
N LEU A 260 12.79 11.02 4.59
CA LEU A 260 12.67 11.71 5.84
CA LEU A 260 12.76 11.83 5.80
C LEU A 260 13.76 11.32 6.81
C LEU A 260 13.64 11.29 6.92
N THR A 261 14.16 10.05 6.80
CA THR A 261 15.06 9.51 7.81
C THR A 261 16.48 9.43 7.29
N ASN A 262 16.77 10.10 6.17
CA ASN A 262 18.10 10.04 5.56
C ASN A 262 18.52 8.59 5.36
N ASN A 263 17.58 7.77 4.91
N ASN A 263 17.58 7.78 4.92
CA ASN A 263 17.79 6.37 4.57
CA ASN A 263 17.80 6.37 4.57
C ASN A 263 18.12 5.50 5.77
C ASN A 263 18.16 5.53 5.77
N TYR A 264 17.84 5.99 6.98
CA TYR A 264 18.01 5.14 8.16
C TYR A 264 17.02 3.99 8.13
N TYR A 265 15.76 4.28 7.80
CA TYR A 265 14.79 3.26 7.42
C TYR A 265 14.69 3.28 5.90
N LYS A 266 15.33 2.30 5.25
CA LYS A 266 15.31 2.21 3.80
C LYS A 266 13.93 1.77 3.33
N ALA A 267 13.59 2.15 2.10
CA ALA A 267 12.42 1.57 1.44
C ALA A 267 12.89 0.28 0.79
N PRO A 268 12.50 -0.89 1.31
CA PRO A 268 13.02 -2.13 0.74
C PRO A 268 12.57 -2.33 -0.69
N ILE A 269 13.51 -2.75 -1.52
CA ILE A 269 13.20 -3.15 -2.88
C ILE A 269 12.59 -4.55 -2.85
N HIS A 270 11.47 -4.73 -3.53
CA HIS A 270 10.81 -6.02 -3.55
C HIS A 270 10.17 -6.22 -4.93
N ARG A 271 9.78 -7.47 -5.19
CA ARG A 271 9.20 -7.83 -6.47
C ARG A 271 8.22 -8.97 -6.22
N VAL A 272 7.39 -9.25 -7.23
CA VAL A 272 6.32 -10.23 -7.13
C VAL A 272 6.65 -11.38 -8.06
N LYS A 273 6.88 -12.57 -7.50
CA LYS A 273 7.10 -13.74 -8.33
C LYS A 273 5.82 -14.15 -9.06
N TRP A 274 6.01 -14.71 -10.25
CA TRP A 274 4.89 -15.30 -10.95
C TRP A 274 4.52 -16.63 -10.31
N VAL A 275 3.25 -16.75 -9.93
N VAL A 275 3.26 -16.77 -9.93
CA VAL A 275 2.67 -17.99 -9.44
CA VAL A 275 2.71 -18.03 -9.47
C VAL A 275 1.33 -18.16 -10.15
C VAL A 275 1.34 -18.19 -10.10
N ASN A 276 1.07 -19.36 -10.68
CA ASN A 276 -0.21 -19.59 -11.33
C ASN A 276 -1.22 -20.07 -10.29
N ALA A 277 -1.89 -19.11 -9.67
CA ALA A 277 -2.80 -19.40 -8.58
C ALA A 277 -3.75 -18.22 -8.42
N GLU A 278 -5.01 -18.52 -8.16
CA GLU A 278 -6.00 -17.48 -7.88
C GLU A 278 -5.69 -16.88 -6.51
N ARG A 279 -5.50 -15.57 -6.44
CA ARG A 279 -5.12 -14.98 -5.16
C ARG A 279 -5.49 -13.50 -5.14
N GLN A 280 -5.37 -12.92 -3.95
CA GLN A 280 -5.73 -11.55 -3.67
C GLN A 280 -4.52 -10.80 -3.13
N SER A 281 -4.37 -9.54 -3.53
CA SER A 281 -3.35 -8.66 -2.96
C SER A 281 -4.05 -7.33 -2.71
N LEU A 282 -4.15 -6.93 -1.44
CA LEU A 282 -5.01 -5.81 -1.03
C LEU A 282 -4.20 -4.80 -0.25
N PRO A 283 -3.44 -3.96 -0.94
CA PRO A 283 -2.63 -2.95 -0.24
C PRO A 283 -3.43 -1.73 0.17
N PHE A 284 -3.02 -1.15 1.29
CA PHE A 284 -3.40 0.19 1.70
C PHE A 284 -2.13 1.02 1.73
N PHE A 285 -2.08 2.06 0.89
CA PHE A 285 -0.89 2.89 0.82
C PHE A 285 -1.09 4.08 1.74
N VAL A 286 -0.27 4.16 2.78
CA VAL A 286 -0.40 5.23 3.75
C VAL A 286 0.26 6.47 3.16
N ASN A 287 -0.56 7.40 2.68
CA ASN A 287 -0.14 8.67 2.15
C ASN A 287 -0.65 9.77 3.06
N LEU A 288 0.11 10.87 3.13
CA LEU A 288 -0.30 11.99 3.96
C LEU A 288 -1.19 12.93 3.14
N GLY A 289 -1.27 14.20 3.54
CA GLY A 289 -2.04 15.18 2.80
C GLY A 289 -1.22 15.86 1.73
N TYR A 290 -1.91 16.56 0.84
CA TYR A 290 -1.20 17.14 -0.31
C TYR A 290 -0.14 18.13 0.14
N ASP A 291 -0.43 18.91 1.18
N ASP A 291 -0.44 18.90 1.18
CA ASP A 291 0.47 19.93 1.66
CA ASP A 291 0.46 19.93 1.67
C ASP A 291 1.35 19.48 2.82
C ASP A 291 1.29 19.49 2.87
N SER A 292 1.23 18.22 3.24
CA SER A 292 2.01 17.73 4.37
C SER A 292 3.51 17.78 4.09
N VAL A 293 4.26 18.33 5.02
CA VAL A 293 5.71 18.36 4.94
C VAL A 293 6.27 17.94 6.29
N ILE A 294 7.18 16.97 6.28
CA ILE A 294 7.91 16.59 7.47
C ILE A 294 9.38 16.95 7.25
N ASP A 295 9.95 17.70 8.19
CA ASP A 295 11.35 18.08 8.11
C ASP A 295 12.23 16.83 8.23
N PRO A 296 13.10 16.55 7.25
CA PRO A 296 13.97 15.38 7.37
C PRO A 296 14.92 15.50 8.56
N PHE A 297 15.30 14.36 9.10
CA PHE A 297 16.22 14.28 10.22
C PHE A 297 17.06 13.02 10.03
N ASP A 298 18.20 12.98 10.73
CA ASP A 298 19.11 11.84 10.63
C ASP A 298 19.25 11.23 12.01
N PRO A 299 18.58 10.11 12.30
CA PRO A 299 18.67 9.52 13.64
C PRO A 299 20.06 9.06 14.03
N ARG A 300 20.98 8.93 13.06
CA ARG A 300 22.33 8.51 13.39
C ARG A 300 23.14 9.62 14.03
N GLU A 301 22.71 10.86 13.90
CA GLU A 301 23.44 12.01 14.41
C GLU A 301 22.90 12.43 15.76
N PRO A 302 23.78 12.77 16.70
CA PRO A 302 23.29 13.27 18.00
C PRO A 302 22.24 14.36 17.84
N ASN A 303 22.50 15.35 17.01
CA ASN A 303 21.61 16.49 16.85
C ASN A 303 20.51 16.25 15.83
N GLY A 304 20.49 15.08 15.17
CA GLY A 304 19.47 14.80 14.18
C GLY A 304 19.55 15.62 12.92
N LYS A 305 20.62 16.40 12.74
CA LYS A 305 20.68 17.31 11.61
C LYS A 305 20.76 16.55 10.30
N SER A 306 20.01 17.03 9.30
CA SER A 306 20.04 16.48 7.96
C SER A 306 20.02 17.65 6.98
N ASP A 307 20.72 17.49 5.86
N ASP A 307 20.73 17.51 5.87
CA ASP A 307 20.76 18.49 4.80
CA ASP A 307 20.72 18.53 4.83
C ASP A 307 19.71 18.28 3.72
C ASP A 307 19.84 18.15 3.65
N ARG A 308 18.84 17.30 3.88
CA ARG A 308 17.91 16.92 2.83
C ARG A 308 16.79 17.95 2.78
N GLU A 309 16.29 18.22 1.59
CA GLU A 309 15.21 19.19 1.44
C GLU A 309 13.91 18.61 1.96
N PRO A 310 13.12 19.39 2.69
CA PRO A 310 11.74 18.97 2.96
C PRO A 310 10.98 18.86 1.64
N LEU A 311 10.16 17.83 1.53
CA LEU A 311 9.43 17.52 0.31
C LEU A 311 7.95 17.47 0.63
N SER A 312 7.15 18.25 -0.08
CA SER A 312 5.72 18.21 0.16
C SER A 312 5.16 16.88 -0.34
N TYR A 313 4.25 16.29 0.44
CA TYR A 313 3.82 14.94 0.11
C TYR A 313 3.11 14.89 -1.24
N GLY A 314 2.35 15.94 -1.57
CA GLY A 314 1.61 15.92 -2.83
C GLY A 314 2.50 15.88 -4.05
N ASP A 315 3.59 16.66 -4.05
CA ASP A 315 4.53 16.62 -5.16
C ASP A 315 5.24 15.28 -5.23
N TYR A 316 5.61 14.74 -4.07
CA TYR A 316 6.21 13.42 -4.02
C TYR A 316 5.30 12.38 -4.64
N LEU A 317 4.01 12.42 -4.28
CA LEU A 317 3.08 11.39 -4.74
C LEU A 317 2.84 11.50 -6.24
N GLN A 318 2.58 12.72 -6.72
CA GLN A 318 2.35 12.92 -8.14
C GLN A 318 3.52 12.37 -8.95
N ASN A 319 4.73 12.75 -8.59
CA ASN A 319 5.89 12.28 -9.34
C ASN A 319 6.10 10.78 -9.17
N GLY A 320 5.86 10.26 -7.97
CA GLY A 320 6.17 8.88 -7.71
C GLY A 320 5.25 7.92 -8.44
N LEU A 321 3.97 8.26 -8.52
CA LEU A 321 3.03 7.37 -9.18
C LEU A 321 3.31 7.31 -10.68
N VAL A 322 3.66 8.45 -11.29
CA VAL A 322 3.98 8.45 -12.71
C VAL A 322 5.26 7.66 -12.96
N SER A 323 6.28 7.89 -12.12
CA SER A 323 7.54 7.18 -12.30
C SER A 323 7.35 5.68 -12.21
N LEU A 324 6.50 5.23 -11.29
CA LEU A 324 6.29 3.79 -11.13
C LEU A 324 5.60 3.21 -12.36
N ILE A 325 4.65 3.95 -12.94
CA ILE A 325 4.02 3.50 -14.18
C ILE A 325 5.05 3.42 -15.30
N ASN A 326 5.89 4.46 -15.41
CA ASN A 326 6.89 4.47 -16.47
C ASN A 326 7.87 3.31 -16.33
N LYS A 327 8.22 2.97 -15.09
CA LYS A 327 9.26 1.97 -14.88
C LYS A 327 8.70 0.55 -14.99
N ASN A 328 7.56 0.30 -14.34
CA ASN A 328 7.07 -1.07 -14.19
C ASN A 328 5.80 -1.35 -14.95
N GLY A 329 5.26 -0.38 -15.67
CA GLY A 329 4.14 -0.62 -16.56
C GLY A 329 2.81 -0.17 -15.98
N GLN A 330 1.88 0.14 -16.87
CA GLN A 330 0.50 0.40 -16.47
C GLN A 330 -0.10 -0.86 -15.88
N THR A 331 -0.58 -0.77 -14.65
CA THR A 331 -1.20 -1.93 -13.98
C THR A 331 -2.67 -2.01 -14.34
S SO4 B . 5.07 -7.73 26.21
O1 SO4 B . 6.41 -7.59 26.77
O2 SO4 B . 4.35 -8.78 26.93
O3 SO4 B . 4.33 -6.48 26.33
O4 SO4 B . 5.19 -8.11 24.80
S SO4 C . 23.43 2.84 7.06
O1 SO4 C . 24.19 3.93 6.45
O2 SO4 C . 23.46 2.97 8.51
O3 SO4 C . 22.04 2.91 6.60
O4 SO4 C . 24.02 1.57 6.67
FE FE D . 5.42 -2.51 -3.46
C1 ACV E . -3.06 4.98 -6.26
C2 ACV E . -2.74 3.57 -6.73
C3 ACV E . -1.22 3.31 -6.59
C4 ACV E . -0.82 1.91 -7.05
C7 ACV E . 0.70 1.72 -7.12
C10 ACV E . 1.10 0.33 -7.54
N11 ACV E . 1.55 -0.45 -6.55
C12 ACV E . 2.09 -1.79 -6.76
C13 ACV E . 1.21 -2.82 -6.07
N14 ACV E . -3.22 3.39 -8.12
O15 ACV E . 1.00 -0.05 -8.70
C16 ACV E . 3.49 -1.90 -6.17
S17 ACV E . 3.59 -1.40 -4.44
O18 ACV E . 0.18 -2.47 -5.50
O19 ACV E . -2.75 5.20 -5.02
O20 ACV E . -3.55 5.81 -7.00
N29 ACV E . 1.65 -4.08 -6.09
C30 ACV E . 0.99 -5.13 -5.33
C31 ACV E . 0.93 -6.40 -6.16
C32 ACV E . 1.72 -5.38 -3.99
C33 ACV E . 3.20 -5.60 -4.21
C37 ACV E . 1.48 -4.24 -3.01
O42 ACV E . 1.28 -6.42 -7.32
O43 ACV E . 0.50 -7.43 -5.50
#